data_1KLN
#
_entry.id   1KLN
#
_cell.length_a   104.300
_cell.length_b   104.300
_cell.length_c   86.000
_cell.angle_alpha   90.00
_cell.angle_beta   90.00
_cell.angle_gamma   90.00
#
_symmetry.space_group_name_H-M   'P 43'
#
loop_
_entity.id
_entity.type
_entity.pdbx_description
1 polymer "DNA (5'-D(*GP*CP*CP*TP*CP*GP*CP*GP*GP*CP*GP*GP*C)-3')"
2 polymer "DNA (5'-D(*GP*CP*CP*GP*CP*GP*AP*GP*GP*C)-3')"
3 polymer 'PROTEIN (DNA POLYMERASE I KLENOW FRAGMENT (E.C.2.7.7.7))'
4 non-polymer 'ZINC ION'
#
loop_
_entity_poly.entity_id
_entity_poly.type
_entity_poly.pdbx_seq_one_letter_code
_entity_poly.pdbx_strand_id
1 'polydeoxyribonucleotide' (DG)(DC)(DC)(DT)(DC)(DG)(DC)(DG)(DG)(DC)(DG)(DG)(DC) B
2 'polydeoxyribonucleotide' (DG)(DC)(DC)(DG)(DC)(DG)(DA)(DG)(DG)(DC) C
3 'polypeptide(L)'
;VISYDNYVTILDEETLKAWIAKLEKAPVFAFATETDSLDNISANLVGLSFAIEPGVAAYIPVAHDYLDAPDQISRERALE
LLKPLLEDEKALKVGQNLKYDRGILANYGIELRGIAFDTMLESYILNSVAGRHDMDSLAERWLKHKTITFEEIAGKGKNQ
LTFNQIALEEAGRYAAEDADVTLQLHLKMWPDLQKHKGPLNVFENIEMPLVPVLSRIERNGVKIDPKVLHNHSEELTLRL
AELEKKAHEIAGEEFNLSSTKQLQTILFEKQGIKPLKKTPGGAPSTSEEVLEELALDYPLPKVILEYRGLAKLKSTYTDK
LPLMINPKTGRVHTSYHQAVTATGRLSSTDPNLQNIPVRNEEGRRIRQAFIAPEDYVIVSADYSQIELRIMAHLSRDKGL
LTAFAEGKDIHRATAAEVFGLPLETVTSEQRRSAKAINFGLIYGMSAFGLARQLNIPRKEAQKYMDLYFERYPGVLEYME
RTRAQAKEQGYVETLDGRRLYLPDIKSSNGARRAAAERAAINAPMQGTAADIIKRAMIAVDAWLQAEQPRVRMIMQVHDE
LVFEVHKDDVDAVAKQIHQLMENCTRLDVPLLVEVGSGENWDQAH
;
A
#
# COMPACT_ATOMS: atom_id res chain seq x y z
N VAL C 1 -5.84 -34.19 12.25
CA VAL C 1 -6.06 -33.26 11.15
C VAL C 1 -7.25 -32.35 11.54
N ILE C 2 -8.37 -32.36 10.78
CA ILE C 2 -9.61 -31.60 10.96
C ILE C 2 -10.48 -32.14 9.84
N SER C 3 -11.78 -32.30 10.07
CA SER C 3 -12.67 -32.85 9.07
C SER C 3 -14.15 -32.66 9.40
N TYR C 4 -14.96 -33.52 8.80
CA TYR C 4 -16.41 -33.56 8.85
C TYR C 4 -17.13 -33.62 10.20
N ASP C 5 -16.45 -33.99 11.29
CA ASP C 5 -17.10 -34.10 12.59
C ASP C 5 -16.97 -32.80 13.43
N ASN C 6 -16.08 -31.86 13.05
CA ASN C 6 -15.83 -30.67 13.89
C ASN C 6 -16.86 -29.56 13.74
N TYR C 7 -16.99 -29.21 12.48
CA TYR C 7 -17.80 -28.08 12.09
C TYR C 7 -19.07 -28.61 11.46
N VAL C 8 -20.11 -27.80 11.40
CA VAL C 8 -21.34 -28.27 10.83
C VAL C 8 -21.57 -27.58 9.50
N THR C 9 -22.08 -28.28 8.50
CA THR C 9 -22.38 -27.61 7.25
C THR C 9 -23.88 -27.32 7.30
N ILE C 10 -24.38 -26.12 7.10
CA ILE C 10 -25.79 -25.90 7.22
C ILE C 10 -26.48 -25.94 5.88
N LEU C 11 -27.29 -26.98 5.68
CA LEU C 11 -28.03 -27.17 4.46
C LEU C 11 -29.52 -26.92 4.61
N ASP C 12 -30.02 -26.33 5.70
CA ASP C 12 -31.45 -26.07 5.81
C ASP C 12 -31.74 -24.86 6.64
N GLU C 13 -32.79 -24.14 6.25
CA GLU C 13 -33.23 -22.93 6.92
C GLU C 13 -33.45 -22.98 8.40
N GLU C 14 -34.11 -24.03 8.94
CA GLU C 14 -34.39 -24.14 10.37
C GLU C 14 -33.07 -24.08 11.15
N THR C 15 -32.06 -24.81 10.69
CA THR C 15 -30.78 -24.80 11.36
C THR C 15 -30.14 -23.42 11.22
N LEU C 16 -30.27 -22.80 10.04
CA LEU C 16 -29.74 -21.49 9.80
C LEU C 16 -30.40 -20.50 10.71
N LYS C 17 -31.70 -20.49 10.88
CA LYS C 17 -32.33 -19.51 11.76
C LYS C 17 -31.85 -19.70 13.21
N ALA C 18 -31.62 -20.96 13.61
CA ALA C 18 -31.10 -21.28 14.95
C ALA C 18 -29.72 -20.66 15.16
N TRP C 19 -28.87 -20.78 14.13
CA TRP C 19 -27.57 -20.19 14.19
C TRP C 19 -27.64 -18.68 14.20
N ILE C 20 -28.57 -18.04 13.50
CA ILE C 20 -28.68 -16.60 13.50
C ILE C 20 -29.05 -16.11 14.90
N ALA C 21 -29.92 -16.84 15.62
CA ALA C 21 -30.33 -16.47 16.95
C ALA C 21 -29.15 -16.52 17.83
N LYS C 22 -28.29 -17.53 17.71
CA LYS C 22 -27.14 -17.47 18.58
C LYS C 22 -26.12 -16.41 18.17
N LEU C 23 -26.04 -16.04 16.89
CA LEU C 23 -25.13 -14.99 16.43
C LEU C 23 -25.57 -13.64 16.97
N GLU C 24 -26.89 -13.46 17.07
CA GLU C 24 -27.52 -12.26 17.59
C GLU C 24 -27.21 -12.03 19.05
N LYS C 25 -26.83 -13.06 19.78
CA LYS C 25 -26.56 -12.84 21.18
C LYS C 25 -25.11 -13.02 21.51
N ALA C 26 -24.25 -13.29 20.50
CA ALA C 26 -22.81 -13.45 20.73
C ALA C 26 -22.22 -12.06 20.84
N PRO C 27 -21.21 -11.78 21.68
CA PRO C 27 -20.61 -10.46 21.81
C PRO C 27 -19.95 -9.99 20.50
N VAL C 28 -19.13 -10.87 19.92
CA VAL C 28 -18.45 -10.69 18.66
C VAL C 28 -18.61 -12.03 18.00
N PHE C 29 -18.63 -12.10 16.67
CA PHE C 29 -18.63 -13.39 16.03
C PHE C 29 -17.69 -13.29 14.83
N ALA C 30 -17.10 -14.39 14.38
CA ALA C 30 -16.20 -14.41 13.22
C ALA C 30 -17.03 -14.55 11.98
N PHE C 31 -16.29 -15.03 10.85
CA PHE C 31 -17.07 -15.30 9.65
C PHE C 31 -16.18 -15.24 8.43
N ALA C 32 -16.53 -16.06 7.44
CA ALA C 32 -15.77 -16.16 6.20
C ALA C 32 -16.67 -16.18 5.00
N THR C 33 -16.09 -15.92 3.84
CA THR C 33 -16.79 -15.97 2.59
C THR C 33 -15.94 -16.84 1.72
N GLU C 34 -16.67 -17.68 1.01
CA GLU C 34 -16.07 -18.63 0.11
C GLU C 34 -16.60 -18.33 -1.29
N THR C 35 -15.74 -18.07 -2.28
CA THR C 35 -16.20 -17.68 -3.61
C THR C 35 -15.61 -18.48 -4.77
N ASP C 36 -16.10 -18.20 -5.98
CA ASP C 36 -15.56 -18.91 -7.12
C ASP C 36 -14.48 -18.14 -7.89
N SER C 37 -13.85 -17.16 -7.24
CA SER C 37 -12.80 -16.37 -7.84
C SER C 37 -12.43 -15.29 -6.88
N LEU C 38 -11.19 -14.90 -7.03
CA LEU C 38 -10.54 -13.88 -6.24
C LEU C 38 -10.85 -12.48 -6.74
N ASP C 39 -11.53 -12.40 -7.88
CA ASP C 39 -11.87 -11.10 -8.36
C ASP C 39 -13.07 -10.60 -7.59
N ASN C 40 -12.80 -9.85 -6.55
CA ASN C 40 -13.80 -9.30 -5.64
C ASN C 40 -15.02 -8.67 -6.29
N ILE C 41 -14.96 -8.32 -7.57
CA ILE C 41 -16.09 -7.70 -8.22
C ILE C 41 -16.80 -8.66 -9.20
N SER C 42 -16.16 -9.76 -9.62
CA SER C 42 -16.80 -10.71 -10.51
C SER C 42 -17.03 -12.06 -9.82
N ALA C 43 -16.60 -12.22 -8.57
CA ALA C 43 -16.75 -13.47 -7.86
C ALA C 43 -18.17 -13.74 -7.36
N ASN C 44 -18.59 -15.01 -7.39
CA ASN C 44 -19.90 -15.43 -6.94
C ASN C 44 -19.73 -16.10 -5.62
N LEU C 45 -20.59 -15.80 -4.66
CA LEU C 45 -20.52 -16.40 -3.35
C LEU C 45 -20.95 -17.86 -3.51
N VAL C 46 -20.18 -18.76 -2.90
CA VAL C 46 -20.41 -20.20 -2.93
C VAL C 46 -20.81 -20.76 -1.57
N GLY C 47 -20.42 -20.10 -0.48
CA GLY C 47 -20.79 -20.56 0.85
C GLY C 47 -20.17 -19.62 1.86
N LEU C 48 -20.57 -19.73 3.12
CA LEU C 48 -19.98 -18.93 4.16
C LEU C 48 -19.70 -19.83 5.37
N SER C 49 -18.89 -19.40 6.33
CA SER C 49 -18.65 -20.10 7.58
C SER C 49 -18.55 -19.15 8.77
N PHE C 50 -18.97 -19.62 9.92
CA PHE C 50 -18.98 -18.81 11.13
C PHE C 50 -18.42 -19.65 12.25
N ALA C 51 -17.79 -19.05 13.23
CA ALA C 51 -17.31 -19.81 14.36
C ALA C 51 -17.65 -18.97 15.55
N ILE C 52 -18.23 -19.58 16.59
CA ILE C 52 -18.61 -18.81 17.77
C ILE C 52 -17.76 -19.11 18.98
N GLU C 53 -17.09 -20.23 18.94
CA GLU C 53 -16.29 -20.63 20.07
C GLU C 53 -15.31 -21.61 19.46
N PRO C 54 -14.07 -21.71 19.96
CA PRO C 54 -13.05 -22.63 19.47
C PRO C 54 -13.68 -24.01 19.36
N GLY C 55 -13.67 -24.56 18.15
CA GLY C 55 -14.21 -25.88 17.91
C GLY C 55 -15.63 -25.74 17.40
N VAL C 56 -16.38 -24.74 17.84
CA VAL C 56 -17.73 -24.59 17.36
C VAL C 56 -17.78 -23.67 16.14
N ALA C 57 -17.69 -24.27 14.96
CA ALA C 57 -17.76 -23.56 13.71
C ALA C 57 -18.54 -24.40 12.72
N ALA C 58 -19.19 -23.81 11.73
CA ALA C 58 -19.99 -24.58 10.78
C ALA C 58 -19.86 -24.08 9.36
N TYR C 59 -20.26 -24.82 8.34
CA TYR C 59 -20.16 -24.32 6.99
C TYR C 59 -21.54 -24.36 6.38
N ILE C 60 -21.89 -23.38 5.58
CA ILE C 60 -23.19 -23.32 4.97
C ILE C 60 -22.98 -23.32 3.47
N PRO C 61 -23.22 -24.39 2.71
CA PRO C 61 -23.04 -24.43 1.28
C PRO C 61 -24.30 -23.82 0.71
N VAL C 62 -24.15 -22.97 -0.32
CA VAL C 62 -25.29 -22.36 -1.00
C VAL C 62 -25.17 -22.48 -2.50
N ALA C 63 -23.97 -22.65 -3.07
CA ALA C 63 -23.81 -22.71 -4.52
C ALA C 63 -22.82 -23.76 -5.04
N HIS C 64 -22.75 -24.92 -4.41
CA HIS C 64 -21.84 -25.95 -4.91
C HIS C 64 -22.62 -26.64 -5.98
N ASP C 65 -22.05 -26.80 -7.17
CA ASP C 65 -22.80 -27.32 -8.29
C ASP C 65 -22.16 -28.40 -9.12
N TYR C 66 -21.39 -29.26 -8.49
CA TYR C 66 -20.76 -30.35 -9.20
C TYR C 66 -21.75 -31.41 -9.63
N LEU C 67 -21.25 -32.46 -10.26
CA LEU C 67 -22.09 -33.56 -10.66
C LEU C 67 -22.76 -34.21 -9.45
N ASP C 68 -24.08 -34.21 -9.46
CA ASP C 68 -24.90 -34.81 -8.43
C ASP C 68 -24.79 -34.13 -7.06
N ALA C 69 -24.45 -32.84 -7.01
CA ALA C 69 -24.32 -32.14 -5.71
C ALA C 69 -25.57 -32.23 -4.81
N PRO C 70 -25.42 -32.35 -3.48
CA PRO C 70 -26.52 -32.43 -2.55
C PRO C 70 -27.29 -31.13 -2.57
N ASP C 71 -28.58 -31.16 -2.25
CA ASP C 71 -29.37 -29.96 -2.22
C ASP C 71 -28.90 -29.07 -1.11
N GLN C 72 -28.88 -27.77 -1.35
CA GLN C 72 -28.37 -26.78 -0.39
C GLN C 72 -29.34 -25.63 -0.28
N ILE C 73 -29.22 -24.81 0.76
CA ILE C 73 -30.06 -23.63 0.89
C ILE C 73 -29.73 -22.74 -0.32
N SER C 74 -30.65 -22.00 -0.93
CA SER C 74 -30.25 -21.15 -2.04
C SER C 74 -29.51 -19.94 -1.53
N ARG C 75 -28.65 -19.36 -2.36
CA ARG C 75 -27.88 -18.20 -1.97
C ARG C 75 -28.78 -17.07 -1.53
N GLU C 76 -29.89 -16.90 -2.23
CA GLU C 76 -30.85 -15.87 -1.93
C GLU C 76 -31.47 -15.94 -0.55
N ARG C 77 -31.93 -17.12 -0.16
CA ARG C 77 -32.56 -17.29 1.15
C ARG C 77 -31.54 -17.21 2.28
N ALA C 78 -30.40 -17.88 2.08
CA ALA C 78 -29.35 -17.92 3.08
C ALA C 78 -28.99 -16.49 3.38
N LEU C 79 -28.81 -15.70 2.33
CA LEU C 79 -28.51 -14.30 2.51
C LEU C 79 -29.65 -13.53 3.14
N GLU C 80 -30.93 -13.72 2.81
CA GLU C 80 -31.94 -12.89 3.45
C GLU C 80 -32.13 -13.22 4.91
N LEU C 81 -31.71 -14.40 5.34
CA LEU C 81 -31.77 -14.70 6.75
C LEU C 81 -30.52 -14.14 7.43
N LEU C 82 -29.39 -14.21 6.74
CA LEU C 82 -28.11 -13.72 7.26
C LEU C 82 -27.93 -12.22 7.20
N LYS C 83 -28.57 -11.53 6.25
CA LYS C 83 -28.42 -10.11 6.03
C LYS C 83 -28.58 -9.27 7.25
N PRO C 84 -29.69 -9.29 8.01
CA PRO C 84 -29.83 -8.44 9.18
C PRO C 84 -28.75 -8.68 10.21
N LEU C 85 -28.18 -9.89 10.33
CA LEU C 85 -27.08 -10.08 11.25
C LEU C 85 -25.87 -9.40 10.64
N LEU C 86 -25.64 -9.64 9.36
CA LEU C 86 -24.50 -9.09 8.68
C LEU C 86 -24.49 -7.57 8.66
N GLU C 87 -25.63 -6.90 8.52
CA GLU C 87 -25.62 -5.45 8.50
C GLU C 87 -25.78 -4.83 9.90
N ASP C 88 -25.77 -5.62 10.98
CA ASP C 88 -25.94 -5.05 12.30
C ASP C 88 -24.63 -4.62 12.89
N GLU C 89 -24.47 -3.30 13.01
CA GLU C 89 -23.24 -2.76 13.55
C GLU C 89 -22.93 -3.26 14.95
N LYS C 90 -23.94 -3.66 15.70
CA LYS C 90 -23.72 -4.17 17.03
C LYS C 90 -23.21 -5.62 17.03
N ALA C 91 -23.17 -6.25 15.86
CA ALA C 91 -22.70 -7.62 15.70
C ALA C 91 -21.24 -7.53 15.27
N LEU C 92 -20.31 -7.73 16.19
CA LEU C 92 -18.91 -7.53 15.85
C LEU C 92 -18.31 -8.77 15.26
N LYS C 93 -18.02 -8.68 14.00
CA LYS C 93 -17.45 -9.78 13.29
C LYS C 93 -15.96 -9.68 13.31
N VAL C 94 -15.35 -10.84 13.21
CA VAL C 94 -13.91 -11.04 13.20
C VAL C 94 -13.63 -11.86 11.95
N GLY C 95 -12.56 -11.55 11.20
CA GLY C 95 -12.23 -12.32 10.00
C GLY C 95 -10.81 -12.08 9.55
N GLN C 96 -10.34 -12.87 8.59
CA GLN C 96 -9.02 -12.70 8.01
C GLN C 96 -9.25 -11.96 6.71
N ASN C 97 -8.79 -10.70 6.62
CA ASN C 97 -8.93 -9.84 5.44
C ASN C 97 -10.40 -9.69 5.09
N LEU C 98 -11.04 -8.91 5.94
CA LEU C 98 -12.49 -8.68 5.87
C LEU C 98 -12.83 -7.70 4.77
N LYS C 99 -11.84 -7.22 4.03
CA LYS C 99 -12.08 -6.31 2.92
C LYS C 99 -12.62 -7.09 1.74
N TYR C 100 -12.14 -8.33 1.61
CA TYR C 100 -12.57 -9.22 0.56
C TYR C 100 -14.04 -9.51 0.77
N ASP C 101 -14.28 -10.03 1.97
CA ASP C 101 -15.58 -10.45 2.43
C ASP C 101 -16.56 -9.28 2.34
N ARG C 102 -16.12 -8.04 2.55
CA ARG C 102 -17.00 -6.89 2.44
C ARG C 102 -17.48 -6.70 1.00
N GLY C 103 -16.51 -6.86 0.08
CA GLY C 103 -16.71 -6.68 -1.35
C GLY C 103 -17.68 -7.70 -1.90
N ILE C 104 -17.48 -8.97 -1.52
CA ILE C 104 -18.37 -10.03 -1.97
C ILE C 104 -19.74 -9.73 -1.42
N LEU C 105 -19.87 -9.43 -0.13
CA LEU C 105 -21.19 -9.18 0.41
C LEU C 105 -21.80 -7.94 -0.22
N ALA C 106 -20.97 -6.97 -0.55
CA ALA C 106 -21.42 -5.78 -1.23
C ALA C 106 -22.03 -6.15 -2.59
N ASN C 107 -21.57 -7.22 -3.26
CA ASN C 107 -22.11 -7.64 -4.54
C ASN C 107 -23.57 -8.08 -4.44
N TYR C 108 -24.08 -8.42 -3.25
CA TYR C 108 -25.47 -8.87 -3.16
C TYR C 108 -26.34 -7.80 -2.53
N GLY C 109 -25.81 -6.59 -2.43
CA GLY C 109 -26.50 -5.45 -1.84
C GLY C 109 -26.39 -5.44 -0.33
N ILE C 110 -25.45 -6.20 0.26
CA ILE C 110 -25.31 -6.24 1.71
C ILE C 110 -24.08 -5.48 2.16
N GLU C 111 -24.30 -4.47 2.99
CA GLU C 111 -23.19 -3.71 3.50
C GLU C 111 -22.72 -4.33 4.80
N LEU C 112 -21.60 -5.04 4.77
CA LEU C 112 -21.07 -5.66 5.98
C LEU C 112 -20.78 -4.54 6.93
N ARG C 113 -21.31 -4.66 8.14
CA ARG C 113 -21.16 -3.61 9.14
C ARG C 113 -20.46 -3.91 10.45
N GLY C 114 -20.41 -5.10 11.02
CA GLY C 114 -19.65 -5.20 12.26
C GLY C 114 -18.17 -5.46 11.99
N ILE C 115 -17.44 -4.64 11.20
CA ILE C 115 -16.04 -4.94 10.86
C ILE C 115 -15.12 -4.58 12.04
N ALA C 116 -15.23 -5.32 13.14
CA ALA C 116 -14.47 -5.01 14.31
C ALA C 116 -13.05 -5.54 14.39
N PHE C 117 -12.78 -6.81 14.11
CA PHE C 117 -11.41 -7.29 14.25
C PHE C 117 -10.95 -8.08 13.06
N ASP C 118 -9.90 -7.61 12.38
CA ASP C 118 -9.35 -8.31 11.25
C ASP C 118 -8.06 -8.95 11.71
N THR C 119 -7.95 -10.25 11.80
CA THR C 119 -6.72 -10.88 12.25
C THR C 119 -5.45 -10.46 11.52
N MET C 120 -5.41 -10.52 10.19
CA MET C 120 -4.26 -10.10 9.41
C MET C 120 -3.79 -8.71 9.80
N LEU C 121 -4.70 -7.81 10.18
CA LEU C 121 -4.24 -6.52 10.59
C LEU C 121 -3.75 -6.57 12.00
N GLU C 122 -4.38 -7.29 12.94
CA GLU C 122 -3.86 -7.37 14.30
C GLU C 122 -2.39 -7.83 14.23
N SER C 123 -2.10 -8.82 13.40
CA SER C 123 -0.75 -9.31 13.20
C SER C 123 0.16 -8.20 12.72
N TYR C 124 -0.27 -7.46 11.70
CA TYR C 124 0.50 -6.35 11.16
C TYR C 124 0.72 -5.28 12.21
N ILE C 125 -0.30 -4.89 12.99
CA ILE C 125 -0.14 -3.86 14.00
C ILE C 125 0.66 -4.42 15.14
N LEU C 126 0.70 -5.73 15.33
CA LEU C 126 1.49 -6.26 16.41
C LEU C 126 2.92 -6.14 15.95
N ASN C 127 3.34 -6.82 14.89
CA ASN C 127 4.69 -6.60 14.46
C ASN C 127 4.78 -6.71 12.97
N SER C 128 4.96 -5.54 12.44
CA SER C 128 5.11 -5.25 11.03
C SER C 128 6.14 -6.15 10.37
N VAL C 129 7.33 -6.25 10.96
CA VAL C 129 8.37 -7.09 10.41
C VAL C 129 8.33 -8.53 10.89
N ALA C 130 7.35 -8.92 11.71
CA ALA C 130 7.31 -10.28 12.25
C ALA C 130 7.32 -11.45 11.26
N GLY C 131 6.89 -11.20 10.02
CA GLY C 131 6.82 -12.24 9.01
C GLY C 131 5.55 -12.10 8.19
N ARG C 132 5.34 -13.03 7.25
CA ARG C 132 4.16 -13.01 6.40
C ARG C 132 2.89 -12.99 7.24
N HIS C 133 1.89 -12.19 6.87
CA HIS C 133 0.69 -12.09 7.69
C HIS C 133 -0.51 -12.84 7.16
N ASP C 134 -0.28 -13.90 6.40
CA ASP C 134 -1.40 -14.66 5.86
C ASP C 134 -1.78 -15.70 6.88
N MET C 135 -3.05 -16.09 6.86
CA MET C 135 -3.53 -16.98 7.87
C MET C 135 -2.72 -18.25 8.05
N ASP C 136 -2.25 -18.91 7.00
CA ASP C 136 -1.47 -20.13 7.19
C ASP C 136 -0.23 -19.88 8.04
N SER C 137 0.37 -18.71 7.84
CA SER C 137 1.56 -18.33 8.58
C SER C 137 1.19 -17.95 10.01
N LEU C 138 0.08 -17.24 10.19
CA LEU C 138 -0.32 -16.89 11.53
C LEU C 138 -0.69 -18.13 12.32
N ALA C 139 -1.19 -19.16 11.66
CA ALA C 139 -1.59 -20.39 12.28
C ALA C 139 -0.38 -21.11 12.83
N GLU C 140 0.69 -21.19 12.07
CA GLU C 140 1.88 -21.83 12.60
C GLU C 140 2.46 -20.93 13.65
N ARG C 141 2.46 -19.61 13.47
CA ARG C 141 3.10 -18.76 14.45
C ARG C 141 2.41 -18.64 15.77
N TRP C 142 1.19 -18.15 15.75
CA TRP C 142 0.46 -17.95 16.96
C TRP C 142 -0.11 -19.22 17.55
N LEU C 143 -0.48 -20.24 16.79
CA LEU C 143 -1.11 -21.40 17.40
C LEU C 143 -0.48 -22.75 17.10
N LYS C 144 0.57 -22.75 16.27
CA LYS C 144 1.24 -23.96 15.82
C LYS C 144 0.22 -24.96 15.29
N HIS C 145 -0.69 -24.47 14.50
CA HIS C 145 -1.66 -25.35 13.94
C HIS C 145 -1.44 -25.30 12.47
N LYS C 146 -1.07 -26.43 11.88
CA LYS C 146 -0.91 -26.48 10.44
C LYS C 146 -2.33 -26.56 9.91
N THR C 147 -2.67 -25.63 9.03
CA THR C 147 -4.00 -25.57 8.48
C THR C 147 -4.07 -26.32 7.19
N ILE C 148 -5.26 -26.26 6.60
CA ILE C 148 -5.51 -26.90 5.34
C ILE C 148 -5.35 -25.76 4.37
N THR C 149 -4.24 -25.85 3.67
CA THR C 149 -3.96 -24.83 2.72
C THR C 149 -4.91 -25.03 1.56
N PHE C 150 -5.42 -23.92 1.01
CA PHE C 150 -6.37 -23.95 -0.10
C PHE C 150 -6.01 -24.93 -1.21
N GLU C 151 -4.74 -25.01 -1.52
CA GLU C 151 -4.20 -25.83 -2.58
C GLU C 151 -4.50 -27.29 -2.40
N GLU C 152 -4.72 -27.72 -1.17
CA GLU C 152 -5.06 -29.10 -0.94
C GLU C 152 -6.46 -29.44 -1.41
N ILE C 153 -7.51 -28.73 -0.98
CA ILE C 153 -8.86 -29.10 -1.41
C ILE C 153 -9.22 -28.64 -2.81
N ALA C 154 -8.40 -27.81 -3.45
CA ALA C 154 -8.71 -27.38 -4.79
C ALA C 154 -7.74 -27.92 -5.80
N GLY C 155 -6.55 -28.36 -5.40
CA GLY C 155 -5.58 -28.83 -6.36
C GLY C 155 -4.74 -27.65 -6.79
N LYS C 156 -3.81 -27.84 -7.72
CA LYS C 156 -2.93 -26.77 -8.17
C LYS C 156 -2.87 -26.72 -9.68
N GLY C 157 -2.40 -25.59 -10.17
CA GLY C 157 -2.23 -25.42 -11.59
C GLY C 157 -3.48 -25.04 -12.34
N LYS C 158 -3.56 -25.60 -13.55
CA LYS C 158 -4.65 -25.30 -14.44
C LYS C 158 -5.94 -25.97 -14.07
N ASN C 159 -5.87 -27.26 -13.73
CA ASN C 159 -7.10 -27.98 -13.43
C ASN C 159 -7.46 -27.89 -11.95
N GLN C 160 -7.25 -26.68 -11.46
CA GLN C 160 -7.52 -26.35 -10.09
C GLN C 160 -9.03 -26.24 -10.06
N LEU C 161 -9.61 -26.84 -9.05
CA LEU C 161 -11.03 -26.76 -8.88
C LEU C 161 -11.36 -25.43 -8.24
N THR C 162 -12.49 -24.84 -8.61
CA THR C 162 -12.88 -23.62 -7.96
C THR C 162 -13.83 -24.09 -6.86
N PHE C 163 -14.06 -23.29 -5.82
CA PHE C 163 -14.80 -23.76 -4.65
C PHE C 163 -16.12 -24.46 -4.87
N ASN C 164 -16.96 -23.99 -5.75
CA ASN C 164 -18.25 -24.59 -6.03
C ASN C 164 -18.18 -26.00 -6.62
N GLN C 165 -17.01 -26.42 -7.09
CA GLN C 165 -16.80 -27.73 -7.67
C GLN C 165 -16.33 -28.70 -6.60
N ILE C 166 -15.68 -28.15 -5.58
CA ILE C 166 -15.10 -28.89 -4.46
C ILE C 166 -16.22 -29.51 -3.62
N ALA C 167 -16.16 -30.81 -3.31
CA ALA C 167 -17.24 -31.47 -2.56
C ALA C 167 -17.60 -30.81 -1.25
N LEU C 168 -18.91 -30.74 -0.99
CA LEU C 168 -19.51 -30.12 0.19
C LEU C 168 -18.78 -30.36 1.51
N GLU C 169 -18.39 -31.59 1.86
CA GLU C 169 -17.72 -31.87 3.11
C GLU C 169 -16.23 -31.54 3.18
N GLU C 170 -15.54 -31.44 2.03
CA GLU C 170 -14.13 -31.09 2.00
C GLU C 170 -14.08 -29.57 2.08
N ALA C 171 -14.98 -28.94 1.33
CA ALA C 171 -15.09 -27.51 1.35
C ALA C 171 -15.31 -27.06 2.79
N GLY C 172 -16.28 -27.71 3.42
CA GLY C 172 -16.63 -27.48 4.82
C GLY C 172 -15.42 -27.60 5.73
N ARG C 173 -14.61 -28.66 5.56
CA ARG C 173 -13.40 -28.84 6.36
C ARG C 173 -12.50 -27.61 6.31
N TYR C 174 -12.22 -27.06 5.11
CA TYR C 174 -11.38 -25.87 5.00
C TYR C 174 -12.08 -24.65 5.60
N ALA C 175 -13.24 -24.32 5.04
CA ALA C 175 -13.95 -23.12 5.44
C ALA C 175 -14.29 -23.00 6.90
N ALA C 176 -14.69 -24.10 7.54
CA ALA C 176 -15.03 -24.01 8.94
C ALA C 176 -13.75 -23.96 9.75
N GLU C 177 -12.72 -24.74 9.38
CA GLU C 177 -11.44 -24.67 10.09
C GLU C 177 -10.92 -23.25 10.01
N ASP C 178 -11.11 -22.58 8.87
CA ASP C 178 -10.68 -21.22 8.71
C ASP C 178 -11.29 -20.30 9.72
N ALA C 179 -12.60 -20.41 9.79
CA ALA C 179 -13.39 -19.59 10.67
C ALA C 179 -12.92 -19.76 12.10
N ASP C 180 -12.74 -21.01 12.48
CA ASP C 180 -12.31 -21.36 13.82
C ASP C 180 -10.94 -20.76 14.17
N VAL C 181 -9.94 -20.97 13.32
CA VAL C 181 -8.58 -20.50 13.55
C VAL C 181 -8.54 -19.00 13.64
N THR C 182 -9.24 -18.34 12.74
CA THR C 182 -9.36 -16.90 12.77
C THR C 182 -9.74 -16.48 14.18
N LEU C 183 -10.78 -17.11 14.75
CA LEU C 183 -11.23 -16.77 16.10
C LEU C 183 -10.14 -17.04 17.11
N GLN C 184 -9.54 -18.23 17.12
CA GLN C 184 -8.47 -18.49 18.07
C GLN C 184 -7.33 -17.48 17.97
N LEU C 185 -6.99 -17.09 16.74
CA LEU C 185 -5.93 -16.13 16.52
C LEU C 185 -6.33 -14.82 17.12
N HIS C 186 -7.60 -14.48 17.02
CA HIS C 186 -8.07 -13.22 17.59
C HIS C 186 -7.96 -13.28 19.10
N LEU C 187 -8.19 -14.45 19.64
CA LEU C 187 -8.15 -14.61 21.05
C LEU C 187 -6.72 -14.47 21.54
N LYS C 188 -5.69 -14.83 20.76
CA LYS C 188 -4.32 -14.63 21.22
C LYS C 188 -3.85 -13.19 21.05
N MET C 189 -4.17 -12.63 19.89
CA MET C 189 -3.71 -11.31 19.56
C MET C 189 -4.40 -10.15 20.23
N TRP C 190 -5.73 -10.12 20.30
CA TRP C 190 -6.39 -8.96 20.88
C TRP C 190 -5.92 -8.65 22.28
N PRO C 191 -5.64 -9.61 23.17
CA PRO C 191 -5.17 -9.32 24.52
C PRO C 191 -3.86 -8.54 24.48
N ASP C 192 -2.86 -9.06 23.75
CA ASP C 192 -1.55 -8.45 23.61
C ASP C 192 -1.64 -7.05 23.02
N LEU C 193 -2.59 -6.89 22.12
CA LEU C 193 -2.77 -5.61 21.50
C LEU C 193 -3.25 -4.59 22.52
N GLN C 194 -4.21 -4.98 23.36
CA GLN C 194 -4.79 -4.10 24.39
C GLN C 194 -3.77 -3.56 25.38
N LYS C 195 -2.67 -4.30 25.53
CA LYS C 195 -1.60 -3.95 26.42
C LYS C 195 -1.16 -2.51 26.42
N HIS C 196 -0.91 -1.99 25.26
CA HIS C 196 -0.31 -0.68 25.20
C HIS C 196 -0.92 0.11 24.09
N LYS C 197 -1.58 1.17 24.52
CA LYS C 197 -2.30 2.09 23.67
C LYS C 197 -1.65 2.56 22.36
N GLY C 198 -0.33 2.66 22.19
CA GLY C 198 0.25 3.11 20.92
C GLY C 198 -0.35 2.32 19.77
N PRO C 199 0.03 1.06 19.66
CA PRO C 199 -0.45 0.16 18.63
C PRO C 199 -1.95 0.02 18.61
N LEU C 200 -2.52 -0.18 19.79
CA LEU C 200 -3.95 -0.34 19.92
C LEU C 200 -4.68 0.85 19.36
N ASN C 201 -4.14 2.05 19.48
CA ASN C 201 -4.81 3.20 18.94
C ASN C 201 -4.78 3.14 17.44
N VAL C 202 -3.64 2.83 16.84
CA VAL C 202 -3.56 2.74 15.39
C VAL C 202 -4.58 1.71 14.90
N PHE C 203 -4.62 0.52 15.52
CA PHE C 203 -5.55 -0.53 15.16
C PHE C 203 -6.97 0.01 15.24
N GLU C 204 -7.35 0.47 16.41
CA GLU C 204 -8.68 0.98 16.67
C GLU C 204 -9.10 2.15 15.81
N ASN C 205 -8.21 3.05 15.47
CA ASN C 205 -8.69 4.21 14.79
C ASN C 205 -8.14 4.54 13.44
N ILE C 206 -7.29 3.70 12.87
CA ILE C 206 -6.76 3.95 11.54
C ILE C 206 -7.03 2.70 10.75
N GLU C 207 -6.27 1.67 11.13
CA GLU C 207 -6.26 0.41 10.46
C GLU C 207 -7.60 -0.23 10.28
N MET C 208 -8.37 -0.42 11.34
CA MET C 208 -9.65 -1.07 11.16
C MET C 208 -10.66 -0.20 10.40
N PRO C 209 -11.04 1.05 10.72
CA PRO C 209 -12.01 1.80 9.93
C PRO C 209 -11.58 2.02 8.46
N LEU C 210 -10.30 1.81 8.15
CA LEU C 210 -9.86 1.98 6.79
C LEU C 210 -10.32 0.81 5.95
N VAL C 211 -10.42 -0.42 6.51
CA VAL C 211 -10.77 -1.62 5.73
C VAL C 211 -11.94 -1.44 4.78
N PRO C 212 -13.13 -0.96 5.13
CA PRO C 212 -14.18 -0.82 4.15
C PRO C 212 -13.89 0.33 3.18
N VAL C 213 -13.03 1.31 3.49
CA VAL C 213 -12.76 2.35 2.49
C VAL C 213 -11.85 1.69 1.45
N LEU C 214 -10.98 0.76 1.85
CA LEU C 214 -10.16 0.12 0.85
C LEU C 214 -11.02 -0.77 -0.02
N SER C 215 -12.11 -1.38 0.47
CA SER C 215 -12.93 -2.17 -0.43
C SER C 215 -13.67 -1.24 -1.33
N ARG C 216 -13.96 -0.01 -0.94
CA ARG C 216 -14.62 0.88 -1.88
C ARG C 216 -13.67 1.35 -2.98
N ILE C 217 -12.45 1.79 -2.64
CA ILE C 217 -11.55 2.28 -3.64
C ILE C 217 -11.28 1.18 -4.67
N GLU C 218 -10.94 -0.04 -4.29
CA GLU C 218 -10.67 -1.08 -5.30
C GLU C 218 -11.85 -1.38 -6.22
N ARG C 219 -13.03 -1.38 -5.66
CA ARG C 219 -14.21 -1.68 -6.44
C ARG C 219 -14.65 -0.51 -7.30
N ASN C 220 -14.10 0.66 -7.07
CA ASN C 220 -14.41 1.76 -7.95
C ASN C 220 -13.42 1.63 -9.07
N GLY C 221 -12.15 1.58 -8.73
CA GLY C 221 -11.10 1.42 -9.70
C GLY C 221 -10.98 2.64 -10.56
N VAL C 222 -10.24 2.49 -11.65
CA VAL C 222 -9.99 3.59 -12.54
C VAL C 222 -10.33 3.25 -13.98
N LYS C 223 -10.71 4.28 -14.71
CA LYS C 223 -11.08 4.20 -16.13
C LYS C 223 -9.80 4.50 -16.92
N ILE C 224 -9.42 3.72 -17.90
CA ILE C 224 -8.19 3.98 -18.62
C ILE C 224 -8.49 4.03 -20.10
N ASP C 225 -7.70 4.80 -20.88
CA ASP C 225 -7.89 4.89 -22.32
C ASP C 225 -6.88 4.01 -23.06
N PRO C 226 -7.23 2.76 -23.43
CA PRO C 226 -6.35 1.85 -24.14
C PRO C 226 -5.74 2.37 -25.44
N LYS C 227 -6.35 3.38 -26.02
CA LYS C 227 -5.80 3.96 -27.22
C LYS C 227 -4.47 4.65 -26.89
N VAL C 228 -4.44 5.66 -26.00
CA VAL C 228 -3.22 6.40 -25.67
C VAL C 228 -2.02 5.52 -25.34
N LEU C 229 -2.26 4.42 -24.63
CA LEU C 229 -1.17 3.52 -24.30
C LEU C 229 -0.65 2.88 -25.57
N HIS C 230 -1.51 2.44 -26.49
CA HIS C 230 -1.06 1.83 -27.73
C HIS C 230 -0.16 2.76 -28.51
N ASN C 231 -0.46 4.04 -28.63
CA ASN C 231 0.41 4.97 -29.35
C ASN C 231 1.73 5.01 -28.65
N HIS C 232 1.72 5.17 -27.32
CA HIS C 232 2.96 5.21 -26.54
C HIS C 232 3.71 3.88 -26.59
N SER C 233 3.08 2.77 -27.00
CA SER C 233 3.76 1.50 -27.09
C SER C 233 4.57 1.50 -28.38
N GLU C 234 3.94 1.88 -29.52
CA GLU C 234 4.62 1.95 -30.80
C GLU C 234 5.83 2.83 -30.64
N GLU C 235 5.61 3.98 -30.00
CA GLU C 235 6.69 4.89 -29.72
C GLU C 235 7.71 4.22 -28.81
N LEU C 236 7.34 3.49 -27.75
CA LEU C 236 8.35 2.88 -26.91
C LEU C 236 9.18 1.87 -27.65
N THR C 237 8.60 1.23 -28.66
CA THR C 237 9.34 0.29 -29.47
C THR C 237 10.45 1.03 -30.21
N LEU C 238 10.09 2.16 -30.82
CA LEU C 238 11.01 3.00 -31.56
C LEU C 238 12.17 3.40 -30.67
N ARG C 239 11.86 4.02 -29.52
CA ARG C 239 12.86 4.47 -28.57
C ARG C 239 13.79 3.37 -28.13
N LEU C 240 13.29 2.15 -28.00
CA LEU C 240 14.18 1.08 -27.60
C LEU C 240 15.23 0.86 -28.68
N ALA C 241 14.83 0.91 -29.96
CA ALA C 241 15.75 0.72 -31.08
C ALA C 241 16.98 1.62 -31.01
N GLU C 242 16.77 2.89 -30.67
CA GLU C 242 17.86 3.84 -30.53
C GLU C 242 18.81 3.42 -29.46
N LEU C 243 18.27 2.96 -28.36
CA LEU C 243 19.10 2.55 -27.26
C LEU C 243 19.87 1.29 -27.68
N GLU C 244 19.28 0.46 -28.53
CA GLU C 244 19.71 -0.45 -28.89
C GLU C 244 20.88 0.11 -29.72
N LYS C 245 20.56 1.02 -30.65
CA LYS C 245 21.55 1.67 -31.48
C LYS C 245 22.51 2.50 -30.63
N LYS C 246 22.04 3.43 -29.79
CA LYS C 246 22.91 4.24 -28.91
C LYS C 246 23.77 3.30 -28.07
N ALA C 247 23.15 2.24 -27.57
CA ALA C 247 23.83 1.24 -26.78
C ALA C 247 24.96 0.64 -27.59
N HIS C 248 24.68 0.41 -28.85
CA HIS C 248 25.68 -0.14 -29.70
C HIS C 248 26.65 0.90 -30.22
N GLU C 249 26.37 2.19 -30.05
CA GLU C 249 27.33 3.20 -30.45
C GLU C 249 28.45 3.05 -29.44
N ILE C 250 28.15 2.62 -28.20
CA ILE C 250 29.21 2.40 -27.24
C ILE C 250 29.81 0.98 -27.38
N ALA C 251 29.61 0.25 -28.49
CA ALA C 251 30.18 -1.10 -28.65
C ALA C 251 29.34 -2.01 -29.53
N GLY C 252 29.94 -2.97 -30.24
CA GLY C 252 30.38 -4.22 -29.65
C GLY C 252 30.29 -5.32 -30.69
N GLU C 253 29.06 -5.76 -30.96
CA GLU C 253 28.65 -7.17 -31.06
C GLU C 253 29.73 -8.06 -30.52
N GLU C 254 29.25 -9.20 -29.98
CA GLU C 254 28.36 -10.14 -30.64
C GLU C 254 27.16 -10.54 -29.76
N PHE C 255 26.22 -11.34 -30.29
CA PHE C 255 24.83 -11.27 -29.91
C PHE C 255 23.99 -12.14 -30.87
N ASN C 256 23.77 -13.44 -30.55
CA ASN C 256 22.90 -13.96 -29.50
C ASN C 256 22.76 -13.15 -28.20
N LEU C 257 21.52 -12.69 -28.11
CA LEU C 257 20.94 -12.11 -26.89
C LEU C 257 19.72 -11.36 -26.90
N SER C 258 19.91 -10.78 -25.77
CA SER C 258 19.73 -9.45 -25.47
C SER C 258 19.58 -9.20 -23.96
N SER C 259 18.64 -8.60 -24.30
CA SER C 259 17.40 -8.41 -24.04
C SER C 259 16.50 -7.31 -23.50
N GLN C 262 18.97 -11.30 -19.29
CA GLN C 262 20.38 -10.96 -19.46
C GLN C 262 21.26 -12.19 -19.21
N LEU C 263 22.56 -11.95 -19.30
CA LEU C 263 23.57 -12.99 -19.09
C LEU C 263 24.98 -12.50 -19.49
N GLN C 264 25.86 -13.49 -19.48
CA GLN C 264 27.28 -13.37 -19.80
C GLN C 264 27.51 -12.42 -20.99
N THR C 265 26.45 -12.20 -21.79
CA THR C 265 26.48 -11.33 -22.95
C THR C 265 26.74 -9.87 -22.58
N ILE C 266 25.92 -9.22 -21.74
CA ILE C 266 26.19 -7.84 -21.34
C ILE C 266 27.32 -7.81 -20.30
N LEU C 267 27.27 -8.80 -19.39
CA LEU C 267 28.25 -8.97 -18.32
C LEU C 267 29.63 -9.29 -18.87
N PHE C 268 29.72 -9.83 -20.11
CA PHE C 268 31.00 -10.11 -20.75
C PHE C 268 31.85 -8.88 -20.72
N GLU C 269 31.28 -7.78 -21.20
CA GLU C 269 31.98 -6.51 -21.28
C GLU C 269 32.49 -5.94 -19.96
N LYS C 270 32.15 -6.49 -18.78
CA LYS C 270 32.68 -6.00 -17.51
C LYS C 270 34.20 -6.24 -17.46
N GLN C 271 34.68 -7.15 -18.32
CA GLN C 271 36.09 -7.42 -18.43
C GLN C 271 36.77 -6.35 -19.30
N GLY C 272 36.50 -6.23 -20.61
CA GLY C 272 37.21 -5.28 -21.45
C GLY C 272 36.66 -3.84 -21.44
N ILE C 273 35.45 -3.66 -20.98
CA ILE C 273 34.89 -2.31 -20.76
C ILE C 273 35.04 -2.07 -19.27
N LYS C 274 36.31 -2.02 -18.93
CA LYS C 274 36.88 -1.92 -17.58
C LYS C 274 35.99 -1.24 -16.54
N PRO C 275 35.17 -2.07 -15.94
CA PRO C 275 34.33 -1.63 -14.84
C PRO C 275 34.71 -2.45 -13.61
N LEU C 276 34.41 -1.84 -12.49
CA LEU C 276 34.53 -2.50 -11.18
C LEU C 276 33.59 -3.71 -11.29
N LYS C 277 33.85 -4.76 -10.52
CA LYS C 277 32.90 -5.90 -10.47
C LYS C 277 32.57 -6.40 -9.07
N THR C 286 23.69 -7.49 -12.57
CA THR C 286 22.77 -8.20 -11.66
C THR C 286 21.86 -7.02 -11.33
N SER C 287 21.95 -6.24 -12.42
CA SER C 287 21.48 -4.87 -12.75
C SER C 287 20.29 -4.27 -12.00
N GLU C 288 20.52 -2.97 -12.07
CA GLU C 288 19.86 -1.84 -11.40
C GLU C 288 20.89 -1.42 -10.39
N GLU C 289 21.51 -2.52 -10.02
CA GLU C 289 22.54 -2.66 -9.01
C GLU C 289 23.95 -2.34 -9.51
N VAL C 290 24.76 -3.33 -9.17
CA VAL C 290 26.20 -3.37 -9.41
C VAL C 290 26.53 -2.97 -10.83
N LEU C 291 27.76 -2.52 -10.93
CA LEU C 291 28.35 -1.99 -12.15
C LEU C 291 28.12 -0.50 -12.14
N GLU C 292 28.48 0.00 -10.97
CA GLU C 292 28.37 1.41 -10.63
C GLU C 292 28.91 2.27 -11.76
N GLU C 293 27.99 2.69 -12.60
CA GLU C 293 28.32 3.63 -13.66
C GLU C 293 28.13 5.01 -13.06
N LEU C 294 27.63 4.96 -11.83
CA LEU C 294 27.42 6.17 -11.05
C LEU C 294 28.39 7.17 -11.62
N ALA C 295 28.85 6.73 -12.77
CA ALA C 295 29.80 7.44 -13.63
C ALA C 295 29.07 7.91 -14.88
N LEU C 296 29.53 9.03 -15.35
CA LEU C 296 28.98 9.74 -16.51
C LEU C 296 28.93 8.87 -17.78
N ASP C 297 30.02 8.20 -18.06
CA ASP C 297 30.19 7.42 -19.31
C ASP C 297 29.65 5.99 -19.25
N TYR C 298 30.72 4.61 -17.97
CA TYR C 298 30.88 3.94 -19.26
C TYR C 298 29.53 3.82 -19.94
N PRO C 299 29.46 3.84 -21.29
CA PRO C 299 28.21 3.72 -22.03
C PRO C 299 27.42 2.46 -21.72
N LEU C 300 28.06 1.28 -21.66
CA LEU C 300 27.32 0.05 -21.40
C LEU C 300 26.47 0.11 -20.13
N PRO C 301 26.97 0.30 -18.91
CA PRO C 301 26.10 0.36 -17.74
C PRO C 301 25.52 1.75 -17.59
N LYS C 302 24.78 2.17 -18.61
CA LYS C 302 24.14 3.44 -18.66
C LYS C 302 23.09 3.27 -19.75
N VAL C 303 23.50 3.03 -20.99
CA VAL C 303 22.54 2.88 -22.07
C VAL C 303 21.66 1.66 -21.90
N ILE C 304 22.21 0.50 -21.45
CA ILE C 304 21.33 -0.66 -21.28
C ILE C 304 20.44 -0.51 -20.07
N LEU C 305 20.69 0.50 -19.24
CA LEU C 305 19.83 0.73 -18.12
C LEU C 305 18.67 1.54 -18.67
N GLU C 306 18.93 2.54 -19.53
CA GLU C 306 17.87 3.32 -20.17
C GLU C 306 16.93 2.38 -20.96
N TYR C 307 17.48 1.29 -21.45
CA TYR C 307 16.75 0.30 -22.20
C TYR C 307 15.89 -0.57 -21.29
N ARG C 308 16.48 -1.17 -20.25
CA ARG C 308 15.74 -2.01 -19.32
C ARG C 308 14.55 -1.24 -18.75
N GLY C 309 14.78 0.02 -18.38
CA GLY C 309 13.76 0.89 -17.83
C GLY C 309 12.55 1.08 -18.75
N LEU C 310 12.78 1.46 -20.01
CA LEU C 310 11.65 1.67 -20.91
C LEU C 310 11.00 0.39 -21.33
N ALA C 311 11.74 -0.72 -21.44
CA ALA C 311 11.15 -1.99 -21.79
C ALA C 311 10.20 -2.37 -20.66
N LYS C 312 10.68 -2.22 -19.43
CA LYS C 312 9.92 -2.48 -18.21
C LYS C 312 8.62 -1.71 -18.37
N LEU C 313 8.76 -0.40 -18.41
CA LEU C 313 7.67 0.55 -18.58
C LEU C 313 6.67 0.11 -19.65
N LYS C 314 7.22 -0.34 -20.77
CA LYS C 314 6.44 -0.78 -21.88
C LYS C 314 5.62 -1.99 -21.52
N SER C 315 6.24 -3.07 -21.06
CA SER C 315 5.51 -4.26 -20.73
C SER C 315 4.59 -4.05 -19.55
N THR C 316 5.15 -3.85 -18.35
CA THR C 316 4.42 -3.60 -17.11
C THR C 316 3.22 -2.64 -17.23
N TYR C 317 3.36 -1.48 -17.89
CA TYR C 317 2.24 -0.57 -17.96
C TYR C 317 1.57 -0.47 -19.29
N THR C 318 2.32 -0.08 -20.31
CA THR C 318 1.75 0.14 -21.62
C THR C 318 1.11 -1.09 -22.27
N ASP C 319 1.69 -2.26 -22.04
CA ASP C 319 1.15 -3.48 -22.62
C ASP C 319 0.27 -4.24 -21.65
N LYS C 320 0.51 -4.19 -20.33
CA LYS C 320 -0.34 -4.90 -19.38
C LYS C 320 -1.60 -4.13 -19.02
N LEU C 321 -1.55 -2.81 -18.76
CA LEU C 321 -2.73 -2.05 -18.39
C LEU C 321 -3.90 -2.26 -19.34
N PRO C 322 -3.77 -2.36 -20.67
CA PRO C 322 -4.91 -2.58 -21.54
C PRO C 322 -5.51 -3.95 -21.26
N LEU C 323 -4.70 -4.96 -20.91
CA LEU C 323 -5.21 -6.31 -20.64
C LEU C 323 -5.93 -6.51 -19.31
N MET C 324 -5.91 -5.49 -18.44
CA MET C 324 -6.52 -5.58 -17.12
C MET C 324 -7.86 -4.88 -16.96
N ILE C 325 -8.52 -4.50 -18.05
CA ILE C 325 -9.82 -3.84 -17.92
C ILE C 325 -10.84 -4.89 -17.46
N ASN C 326 -11.60 -4.64 -16.40
CA ASN C 326 -12.54 -5.64 -15.90
C ASN C 326 -13.76 -5.70 -16.79
N PRO C 327 -14.10 -6.83 -17.41
CA PRO C 327 -15.26 -6.99 -18.29
C PRO C 327 -16.57 -6.52 -17.70
N LYS C 328 -16.79 -6.65 -16.40
CA LYS C 328 -18.04 -6.18 -15.84
C LYS C 328 -18.11 -4.67 -15.82
N THR C 329 -17.03 -3.99 -15.46
CA THR C 329 -17.04 -2.54 -15.33
C THR C 329 -16.42 -1.73 -16.49
N GLY C 330 -15.60 -2.38 -17.30
CA GLY C 330 -14.86 -1.66 -18.32
C GLY C 330 -13.86 -0.77 -17.57
N ARG C 331 -13.48 -1.11 -16.33
CA ARG C 331 -12.51 -0.30 -15.59
C ARG C 331 -11.44 -1.16 -14.97
N VAL C 332 -10.28 -0.57 -14.69
CA VAL C 332 -9.16 -1.25 -14.06
C VAL C 332 -9.32 -1.22 -12.54
N HIS C 333 -9.10 -2.32 -11.81
CA HIS C 333 -9.23 -2.32 -10.36
C HIS C 333 -7.90 -2.66 -9.68
N THR C 334 -7.19 -1.63 -9.24
CA THR C 334 -5.88 -1.83 -8.62
C THR C 334 -5.98 -2.51 -7.26
N SER C 335 -4.98 -3.26 -6.83
CA SER C 335 -5.12 -3.94 -5.57
C SER C 335 -4.33 -3.32 -4.45
N TYR C 336 -4.95 -2.70 -3.44
CA TYR C 336 -4.24 -2.13 -2.30
C TYR C 336 -4.04 -3.14 -1.17
N HIS C 337 -2.78 -3.40 -0.81
CA HIS C 337 -2.46 -4.35 0.26
C HIS C 337 -2.23 -3.58 1.56
N GLN C 338 -3.08 -3.77 2.55
CA GLN C 338 -2.94 -2.98 3.76
C GLN C 338 -1.88 -3.46 4.73
N ALA C 339 -1.57 -4.75 4.71
CA ALA C 339 -0.61 -5.29 5.68
C ALA C 339 0.63 -5.92 5.06
N VAL C 340 1.36 -5.09 4.34
CA VAL C 340 2.53 -5.56 3.64
C VAL C 340 3.72 -4.65 3.85
N THR C 341 3.63 -3.32 3.87
CA THR C 341 4.89 -2.60 4.05
C THR C 341 5.33 -2.53 5.49
N ALA C 342 6.63 -2.34 5.70
CA ALA C 342 7.21 -2.24 7.03
C ALA C 342 6.93 -0.94 7.79
N THR C 343 6.80 0.20 7.11
CA THR C 343 6.59 1.48 7.78
C THR C 343 5.16 1.91 7.94
N GLY C 344 4.23 1.23 7.29
CA GLY C 344 2.85 1.59 7.48
C GLY C 344 2.20 2.10 6.21
N ARG C 345 2.90 2.12 5.08
CA ARG C 345 2.28 2.57 3.84
C ARG C 345 1.52 1.48 3.06
N LEU C 346 0.72 1.94 2.12
CA LEU C 346 -0.08 1.06 1.28
C LEU C 346 0.60 0.80 -0.04
N SER C 347 0.85 -0.45 -0.39
CA SER C 347 1.42 -0.76 -1.68
C SER C 347 0.31 -1.12 -2.64
N SER C 348 0.29 -0.52 -3.84
CA SER C 348 -0.71 -0.82 -4.84
C SER C 348 -0.09 -1.86 -5.72
N THR C 349 -0.71 -2.99 -6.03
CA THR C 349 -0.10 -3.89 -6.98
C THR C 349 -1.05 -4.07 -8.12
N ASP C 350 -0.60 -4.85 -9.13
CA ASP C 350 -1.25 -5.04 -10.42
C ASP C 350 -1.11 -3.61 -10.90
N PRO C 351 -2.00 -2.64 -11.09
CA PRO C 351 -1.53 -1.34 -11.53
C PRO C 351 -0.81 -0.76 -10.32
N ASN C 352 0.50 -0.97 -10.21
CA ASN C 352 1.27 -0.44 -9.09
C ASN C 352 1.52 1.04 -9.30
N LEU C 353 0.55 1.87 -8.97
CA LEU C 353 0.67 3.29 -9.19
C LEU C 353 1.96 3.90 -8.60
N GLN C 354 2.40 3.37 -7.46
CA GLN C 354 3.58 3.90 -6.80
C GLN C 354 4.78 3.80 -7.72
N ASN C 355 4.81 2.78 -8.56
CA ASN C 355 5.93 2.57 -9.45
C ASN C 355 5.93 3.32 -10.76
N ILE C 356 4.92 4.15 -11.08
CA ILE C 356 5.04 4.89 -12.34
C ILE C 356 5.81 6.16 -12.01
N PRO C 357 6.90 6.40 -12.76
CA PRO C 357 7.80 7.54 -12.63
C PRO C 357 7.14 8.89 -12.66
N VAL C 358 7.31 9.64 -11.59
CA VAL C 358 6.71 10.96 -11.48
C VAL C 358 7.42 12.02 -12.33
N ARG C 359 8.70 12.31 -12.09
CA ARG C 359 9.36 13.31 -12.89
C ARG C 359 10.21 12.60 -13.95
N ASN C 360 9.56 12.30 -15.06
CA ASN C 360 10.18 11.65 -16.21
C ASN C 360 9.20 11.94 -17.32
N GLU C 361 9.69 12.16 -18.53
CA GLU C 361 8.78 12.44 -19.61
C GLU C 361 7.95 11.22 -20.06
N GLU C 362 8.52 10.02 -19.99
CA GLU C 362 7.80 8.83 -20.40
C GLU C 362 6.80 8.36 -19.34
N GLY C 363 6.93 8.90 -18.14
CA GLY C 363 6.05 8.57 -17.04
C GLY C 363 4.82 9.47 -17.15
N ARG C 364 5.02 10.73 -17.55
CA ARG C 364 3.92 11.67 -17.72
C ARG C 364 2.93 11.22 -18.82
N ARG C 365 3.30 10.29 -19.70
CA ARG C 365 2.37 9.81 -20.70
C ARG C 365 1.44 8.77 -20.09
N ILE C 366 1.98 7.94 -19.19
CA ILE C 366 1.22 6.89 -18.56
C ILE C 366 0.09 7.54 -17.77
N ARG C 367 0.42 8.57 -16.99
CA ARG C 367 -0.59 9.31 -16.22
C ARG C 367 -1.65 9.95 -17.10
N GLN C 368 -1.38 10.06 -18.38
CA GLN C 368 -2.34 10.60 -19.31
C GLN C 368 -3.36 9.56 -19.67
N ALA C 369 -3.01 8.29 -19.62
CA ALA C 369 -3.97 7.25 -19.95
C ALA C 369 -5.15 7.16 -18.99
N PHE C 370 -4.97 7.59 -17.74
CA PHE C 370 -6.02 7.53 -16.76
C PHE C 370 -6.97 8.68 -16.98
N ILE C 371 -8.10 8.33 -17.55
CA ILE C 371 -9.16 9.19 -17.96
C ILE C 371 -10.31 9.36 -16.99
N ALA C 372 -10.85 10.55 -16.98
CA ALA C 372 -12.02 10.80 -16.17
C ALA C 372 -13.19 10.52 -17.09
N PRO C 373 -14.26 9.86 -16.66
CA PRO C 373 -15.41 9.59 -17.49
C PRO C 373 -16.10 10.89 -17.90
N GLU C 374 -17.02 10.81 -18.87
CA GLU C 374 -17.76 11.97 -19.40
C GLU C 374 -18.43 12.81 -18.31
N ASP C 375 -18.25 14.12 -18.37
CA ASP C 375 -18.78 15.10 -17.43
C ASP C 375 -18.19 15.03 -16.03
N TYR C 376 -17.13 14.24 -15.84
CA TYR C 376 -16.38 14.13 -14.59
C TYR C 376 -14.97 14.57 -14.88
N VAL C 377 -14.24 15.05 -13.88
CA VAL C 377 -12.85 15.41 -14.07
C VAL C 377 -12.06 14.70 -12.97
N ILE C 378 -10.75 14.62 -13.15
CA ILE C 378 -9.87 13.99 -12.19
C ILE C 378 -9.48 15.07 -11.21
N VAL C 379 -9.58 14.85 -9.90
CA VAL C 379 -9.13 15.85 -8.97
C VAL C 379 -8.10 15.21 -8.10
N SER C 380 -6.97 15.85 -7.99
CA SER C 380 -5.90 15.32 -7.22
C SER C 380 -5.68 16.23 -6.04
N ALA C 381 -5.43 15.66 -4.88
CA ALA C 381 -5.16 16.39 -3.67
C ALA C 381 -3.91 15.73 -3.14
N ASP C 382 -2.84 16.49 -3.08
CA ASP C 382 -1.56 15.97 -2.65
C ASP C 382 -0.99 16.65 -1.43
N TYR C 383 -0.33 15.89 -0.54
CA TYR C 383 0.32 16.50 0.61
C TYR C 383 1.69 17.10 0.24
N SER C 384 1.74 18.42 0.37
CA SER C 384 2.90 19.23 0.07
C SER C 384 4.07 18.86 0.97
N GLN C 385 4.93 18.00 0.43
CA GLN C 385 6.16 17.52 1.07
C GLN C 385 6.06 17.21 2.56
N ILE C 386 4.89 16.68 2.96
CA ILE C 386 4.55 16.39 4.34
C ILE C 386 5.64 15.78 5.22
N GLU C 387 6.56 14.96 4.71
CA GLU C 387 7.59 14.37 5.54
C GLU C 387 8.52 15.43 6.09
N LEU C 388 8.82 16.50 5.34
CA LEU C 388 9.67 17.57 5.84
C LEU C 388 8.89 18.38 6.85
N ARG C 389 7.59 18.55 6.66
CA ARG C 389 6.77 19.27 7.63
C ARG C 389 6.65 18.41 8.87
N ILE C 390 6.66 17.08 8.70
CA ILE C 390 6.62 16.12 9.79
C ILE C 390 7.94 16.15 10.51
N MET C 391 9.04 16.20 9.78
CA MET C 391 10.34 16.25 10.39
C MET C 391 10.43 17.56 11.15
N ALA C 392 9.94 18.64 10.56
CA ALA C 392 9.93 19.95 11.19
C ALA C 392 9.19 19.84 12.51
N HIS C 393 8.07 19.11 12.54
CA HIS C 393 7.31 18.91 13.77
C HIS C 393 7.99 17.97 14.76
N LEU C 394 8.86 17.05 14.32
CA LEU C 394 9.49 16.12 15.23
C LEU C 394 10.78 16.64 15.86
N SER C 395 11.30 17.74 15.35
CA SER C 395 12.57 18.26 15.85
C SER C 395 12.43 19.54 16.65
N ARG C 396 11.21 20.11 16.67
CA ARG C 396 10.89 21.34 17.37
C ARG C 396 11.83 22.48 17.02
N ASP C 397 12.37 22.43 15.79
CA ASP C 397 13.29 23.45 15.35
C ASP C 397 12.55 24.68 14.81
N LYS C 398 12.48 25.72 15.66
CA LYS C 398 11.82 26.98 15.34
C LYS C 398 12.15 27.52 13.97
N GLY C 399 13.38 27.33 13.48
CA GLY C 399 13.76 27.80 12.17
C GLY C 399 12.86 27.15 11.13
N LEU C 400 12.88 25.81 11.08
CA LEU C 400 12.08 25.08 10.12
C LEU C 400 10.61 25.34 10.35
N LEU C 401 10.17 25.41 11.60
CA LEU C 401 8.79 25.74 11.91
C LEU C 401 8.37 27.07 11.28
N THR C 402 9.22 28.09 11.40
CA THR C 402 8.91 29.41 10.88
C THR C 402 8.96 29.45 9.37
N ALA C 403 9.89 28.72 8.75
CA ALA C 403 9.97 28.68 7.29
C ALA C 403 8.58 28.34 6.76
N PHE C 404 8.02 27.27 7.33
CA PHE C 404 6.71 26.85 6.96
C PHE C 404 5.63 27.81 7.46
N ALA C 405 5.80 28.48 8.60
CA ALA C 405 4.78 29.39 9.08
C ALA C 405 4.45 30.57 8.14
N GLU C 406 5.47 31.18 7.52
CA GLU C 406 5.23 32.30 6.62
C GLU C 406 5.34 31.93 5.15
N GLY C 407 5.11 30.66 4.84
CA GLY C 407 5.12 30.19 3.46
C GLY C 407 6.43 30.22 2.70
N LYS C 408 7.58 30.16 3.36
CA LYS C 408 8.82 30.18 2.60
C LYS C 408 9.09 28.80 2.01
N ASP C 409 9.51 28.81 0.75
CA ASP C 409 9.91 27.60 0.03
C ASP C 409 11.03 27.05 0.87
N ILE C 410 10.76 25.99 1.59
CA ILE C 410 11.78 25.47 2.46
C ILE C 410 13.11 25.14 1.85
N HIS C 411 13.18 24.84 0.57
CA HIS C 411 14.49 24.52 0.03
C HIS C 411 15.30 25.80 -0.08
N ARG C 412 14.64 26.89 -0.48
CA ARG C 412 15.30 28.19 -0.64
C ARG C 412 15.60 28.88 0.68
N ALA C 413 14.73 28.73 1.67
CA ALA C 413 14.98 29.30 2.99
C ALA C 413 16.12 28.52 3.63
N THR C 414 16.14 27.18 3.52
CA THR C 414 17.23 26.37 4.04
C THR C 414 18.51 26.80 3.34
N ALA C 415 18.49 26.96 2.02
CA ALA C 415 19.66 27.40 1.29
C ALA C 415 20.13 28.77 1.78
N ALA C 416 19.23 29.72 2.09
CA ALA C 416 19.62 31.04 2.61
C ALA C 416 20.38 30.94 3.95
N GLU C 417 19.91 30.08 4.86
CA GLU C 417 20.57 29.87 6.15
C GLU C 417 21.88 29.09 6.00
N VAL C 418 21.85 27.90 5.40
CA VAL C 418 23.04 27.08 5.21
C VAL C 418 24.13 27.81 4.45
N PHE C 419 23.78 28.54 3.39
CA PHE C 419 24.77 29.24 2.59
C PHE C 419 24.92 30.71 2.97
N GLY C 420 24.34 31.11 4.11
CA GLY C 420 24.42 32.47 4.65
C GLY C 420 24.19 33.62 3.68
N LEU C 421 23.06 33.64 2.99
CA LEU C 421 22.79 34.69 2.02
C LEU C 421 21.33 35.08 1.99
N PRO C 422 21.01 36.32 1.60
CA PRO C 422 19.63 36.81 1.51
C PRO C 422 18.73 35.97 0.62
N LEU C 423 17.50 35.73 1.05
CA LEU C 423 16.53 34.92 0.33
C LEU C 423 16.32 35.34 -1.12
N GLU C 424 15.97 36.61 -1.30
CA GLU C 424 15.66 37.19 -2.61
C GLU C 424 16.70 36.90 -3.70
N THR C 425 17.93 36.65 -3.30
CA THR C 425 19.02 36.43 -4.23
C THR C 425 19.57 35.00 -4.26
N VAL C 426 18.80 34.03 -3.80
CA VAL C 426 19.29 32.65 -3.78
C VAL C 426 19.52 32.13 -5.19
N THR C 427 20.71 31.60 -5.45
CA THR C 427 20.95 31.09 -6.78
C THR C 427 20.29 29.74 -6.82
N SER C 428 19.67 29.35 -7.92
CA SER C 428 19.04 28.04 -8.06
C SER C 428 20.05 26.90 -7.95
N GLU C 429 21.29 27.28 -8.18
CA GLU C 429 22.40 26.38 -8.06
C GLU C 429 22.56 25.98 -6.58
N GLN C 430 22.13 26.84 -5.65
CA GLN C 430 22.20 26.61 -4.20
C GLN C 430 20.98 25.89 -3.64
N ARG C 431 19.80 26.13 -4.22
CA ARG C 431 18.57 25.47 -3.80
C ARG C 431 18.66 23.97 -4.05
N ARG C 432 19.42 23.56 -5.07
CA ARG C 432 19.61 22.16 -5.39
C ARG C 432 20.41 21.51 -4.28
N SER C 433 21.55 22.10 -3.90
CA SER C 433 22.39 21.58 -2.83
C SER C 433 21.60 21.53 -1.52
N ALA C 434 20.74 22.53 -1.29
CA ALA C 434 19.85 22.54 -0.14
C ALA C 434 18.83 21.41 -0.29
N LYS C 435 18.27 21.14 -1.48
CA LYS C 435 17.29 20.06 -1.66
C LYS C 435 17.86 18.69 -1.34
N ALA C 436 19.04 18.40 -1.85
CA ALA C 436 19.71 17.13 -1.61
C ALA C 436 19.86 16.82 -0.12
N ILE C 437 20.41 17.76 0.65
CA ILE C 437 20.61 17.60 2.08
C ILE C 437 19.26 17.38 2.75
N ASN C 438 18.30 18.28 2.50
CA ASN C 438 16.98 18.24 3.12
C ASN C 438 16.31 16.91 2.93
N PHE C 439 16.26 16.41 1.70
CA PHE C 439 15.64 15.13 1.48
C PHE C 439 16.47 14.04 2.08
N GLY C 440 17.76 14.26 2.11
CA GLY C 440 18.69 13.33 2.70
C GLY C 440 18.30 13.00 4.12
N LEU C 441 18.12 14.01 4.96
CA LEU C 441 17.75 13.78 6.33
C LEU C 441 16.46 12.98 6.50
N ILE C 442 15.51 13.11 5.57
CA ILE C 442 14.26 12.35 5.62
C ILE C 442 14.59 10.88 5.46
N TYR C 443 15.57 10.55 4.60
CA TYR C 443 15.94 9.16 4.40
C TYR C 443 17.07 8.71 5.32
N GLY C 444 17.37 9.53 6.35
CA GLY C 444 18.44 9.24 7.30
C GLY C 444 19.79 9.12 6.61
N MET C 445 19.93 9.87 5.52
CA MET C 445 21.09 9.83 4.67
C MET C 445 22.40 10.10 5.39
N SER C 446 23.13 9.02 5.36
CA SER C 446 24.43 8.89 5.94
C SER C 446 25.46 9.75 5.22
N ALA C 447 25.53 11.08 5.42
CA ALA C 447 26.52 11.99 4.81
C ALA C 447 27.08 11.65 3.42
N PHE C 448 27.83 10.54 3.26
CA PHE C 448 28.34 10.08 1.97
C PHE C 448 27.16 9.93 1.03
N GLY C 449 25.99 9.53 1.58
CA GLY C 449 24.77 9.41 0.81
C GLY C 449 24.48 10.69 0.04
N LEU C 450 24.79 11.82 0.68
CA LEU C 450 24.60 13.12 0.07
C LEU C 450 25.66 13.26 -1.00
N ALA C 451 26.92 12.99 -0.66
CA ALA C 451 28.01 13.10 -1.62
C ALA C 451 27.84 12.18 -2.82
N ARG C 452 27.03 11.11 -2.71
CA ARG C 452 26.82 10.22 -3.82
C ARG C 452 25.49 10.55 -4.48
N GLN C 453 24.60 11.28 -3.81
CA GLN C 453 23.35 11.64 -4.45
C GLN C 453 23.64 12.90 -5.21
N LEU C 454 24.18 13.90 -4.53
CA LEU C 454 24.67 15.10 -5.15
C LEU C 454 26.10 14.63 -5.42
N ASN C 455 26.25 13.68 -6.36
CA ASN C 455 27.51 13.01 -6.65
C ASN C 455 28.58 13.76 -7.41
N ILE C 456 29.47 14.38 -6.64
CA ILE C 456 30.63 15.10 -7.13
C ILE C 456 31.46 15.67 -5.97
N PRO C 457 30.97 16.02 -4.75
CA PRO C 457 31.83 16.52 -3.69
C PRO C 457 32.32 15.37 -2.83
N ARG C 458 33.14 15.70 -1.83
CA ARG C 458 33.63 14.70 -0.91
C ARG C 458 33.30 15.19 0.48
N LYS C 459 34.25 15.59 1.32
CA LYS C 459 33.91 16.10 2.65
C LYS C 459 33.19 17.44 2.59
N GLU C 460 32.98 18.02 1.40
CA GLU C 460 32.21 19.24 1.25
C GLU C 460 30.81 19.01 1.80
N ALA C 461 30.30 17.79 1.61
CA ALA C 461 28.99 17.36 2.11
C ALA C 461 29.00 17.32 3.62
N GLN C 462 30.13 16.87 4.19
CA GLN C 462 30.34 16.81 5.63
C GLN C 462 30.23 18.26 6.13
N LYS C 463 30.92 19.19 5.48
CA LYS C 463 30.88 20.59 5.84
C LYS C 463 29.44 21.09 5.74
N TYR C 464 28.71 20.70 4.70
CA TYR C 464 27.31 21.09 4.54
C TYR C 464 26.46 20.63 5.70
N MET C 465 26.60 19.36 6.09
CA MET C 465 25.83 18.79 7.18
C MET C 465 26.10 19.59 8.43
N ASP C 466 27.36 19.96 8.67
CA ASP C 466 27.73 20.76 9.83
C ASP C 466 26.97 22.07 9.83
N LEU C 467 27.05 22.79 8.71
CA LEU C 467 26.40 24.06 8.56
C LEU C 467 24.90 23.96 8.73
N TYR C 468 24.26 22.88 8.25
CA TYR C 468 22.82 22.71 8.44
C TYR C 468 22.51 22.43 9.90
N PHE C 469 23.22 21.53 10.57
CA PHE C 469 22.93 21.21 11.94
C PHE C 469 23.27 22.34 12.90
N GLU C 470 24.20 23.24 12.56
CA GLU C 470 24.51 24.37 13.42
C GLU C 470 23.35 25.36 13.32
N ARG C 471 22.76 25.51 12.13
CA ARG C 471 21.64 26.40 11.98
C ARG C 471 20.34 25.68 12.36
N TYR C 472 20.33 24.35 12.33
CA TYR C 472 19.18 23.56 12.70
C TYR C 472 19.62 22.46 13.66
N PRO C 473 19.85 22.75 14.95
CA PRO C 473 20.27 21.75 15.94
C PRO C 473 19.16 20.73 16.21
N GLY C 474 17.91 21.20 16.30
CA GLY C 474 16.72 20.40 16.54
C GLY C 474 16.65 19.14 15.70
N VAL C 475 17.16 19.21 14.46
CA VAL C 475 17.15 18.06 13.59
C VAL C 475 18.06 16.98 14.17
N LEU C 476 19.30 17.26 14.58
CA LEU C 476 20.06 16.17 15.16
C LEU C 476 19.67 15.88 16.60
N GLU C 477 19.00 16.82 17.31
CA GLU C 477 18.49 16.54 18.66
C GLU C 477 17.54 15.39 18.42
N TYR C 478 16.64 15.58 17.45
CA TYR C 478 15.67 14.60 17.05
C TYR C 478 16.41 13.31 16.72
N MET C 479 17.42 13.44 15.87
CA MET C 479 18.14 12.27 15.43
C MET C 479 18.77 11.46 16.52
N GLU C 480 19.46 12.08 17.48
CA GLU C 480 20.13 11.32 18.53
C GLU C 480 19.12 10.65 19.43
N ARG C 481 18.07 11.38 19.80
CA ARG C 481 16.99 10.86 20.61
C ARG C 481 16.42 9.61 19.98
N THR C 482 16.28 9.62 18.65
CA THR C 482 15.70 8.49 17.94
C THR C 482 16.66 7.31 17.88
N ARG C 483 17.94 7.57 17.63
CA ARG C 483 18.92 6.51 17.61
C ARG C 483 19.01 5.90 18.99
N ALA C 484 18.73 6.74 19.99
CA ALA C 484 18.73 6.30 21.36
C ALA C 484 17.58 5.34 21.61
N GLN C 485 16.33 5.81 21.45
CA GLN C 485 15.20 4.95 21.74
C GLN C 485 15.15 3.74 20.81
N ALA C 486 15.83 3.83 19.67
CA ALA C 486 15.91 2.71 18.77
C ALA C 486 16.67 1.59 19.44
N LYS C 487 17.92 1.80 19.91
CA LYS C 487 18.68 0.73 20.57
C LYS C 487 18.09 0.29 21.89
N GLU C 488 17.54 1.26 22.62
CA GLU C 488 16.97 1.05 23.94
C GLU C 488 15.75 0.16 24.01
N GLN C 489 14.74 0.52 23.25
CA GLN C 489 13.46 -0.16 23.29
C GLN C 489 13.37 -1.27 22.28
N GLY C 490 14.13 -1.14 21.21
CA GLY C 490 14.07 -2.10 20.12
C GLY C 490 13.05 -1.63 19.09
N TYR C 491 12.61 -0.38 19.13
CA TYR C 491 11.64 0.10 18.18
C TYR C 491 11.60 1.61 18.11
N VAL C 492 10.81 2.17 17.21
CA VAL C 492 10.60 3.62 17.09
C VAL C 492 9.11 3.75 16.84
N GLU C 493 8.49 4.84 17.26
CA GLU C 493 7.05 4.98 17.14
C GLU C 493 6.71 6.20 16.32
N THR C 494 5.57 6.18 15.64
CA THR C 494 5.20 7.37 14.89
C THR C 494 4.33 8.27 15.77
N LEU C 495 3.95 9.46 15.30
CA LEU C 495 3.17 10.40 16.09
C LEU C 495 1.89 9.85 16.72
N ASP C 496 1.38 8.74 16.21
CA ASP C 496 0.17 8.17 16.77
C ASP C 496 0.42 6.89 17.54
N GLY C 497 1.54 6.22 17.34
CA GLY C 497 1.78 5.05 18.12
C GLY C 497 2.17 3.82 17.35
N ARG C 498 2.26 3.94 16.03
CA ARG C 498 2.67 2.81 15.19
C ARG C 498 4.14 2.46 15.47
N ARG C 499 4.45 1.21 15.76
CA ARG C 499 5.82 0.84 16.12
C ARG C 499 6.60 0.06 15.10
N LEU C 500 7.72 0.58 14.60
CA LEU C 500 8.49 -0.25 13.71
C LEU C 500 9.45 -0.93 14.64
N TYR C 501 9.47 -2.24 14.60
CA TYR C 501 10.35 -2.97 15.46
C TYR C 501 11.67 -3.15 14.75
N LEU C 502 12.76 -2.71 15.39
CA LEU C 502 14.10 -2.76 14.83
C LEU C 502 14.99 -3.78 15.56
N PRO C 503 14.97 -5.07 15.22
CA PRO C 503 15.79 -6.09 15.89
C PRO C 503 17.28 -6.01 15.61
N ASP C 504 17.70 -5.30 14.56
CA ASP C 504 19.10 -5.26 14.23
C ASP C 504 19.79 -3.95 14.52
N ILE C 505 19.13 -3.10 15.30
CA ILE C 505 19.73 -1.84 15.69
C ILE C 505 20.91 -2.24 16.58
N LYS C 506 20.72 -3.30 17.34
CA LYS C 506 21.74 -3.81 18.22
C LYS C 506 22.52 -4.93 17.54
N SER C 507 22.50 -5.02 16.20
CA SER C 507 23.22 -6.10 15.52
C SER C 507 24.70 -5.91 15.77
N SER C 508 25.26 -6.83 16.55
CA SER C 508 26.65 -6.89 16.96
C SER C 508 27.58 -6.70 15.77
N ASN C 509 27.73 -5.40 15.46
CA ASN C 509 28.44 -4.85 14.33
C ASN C 509 28.22 -5.65 13.05
N GLY C 510 26.95 -5.98 12.81
CA GLY C 510 26.58 -6.78 11.66
C GLY C 510 26.49 -5.94 10.38
N ALA C 511 27.58 -5.24 10.05
CA ALA C 511 27.72 -4.38 8.90
C ALA C 511 26.58 -3.41 8.69
N ARG C 512 25.50 -3.81 8.02
CA ARG C 512 24.41 -2.89 7.85
C ARG C 512 23.36 -2.99 8.95
N ARG C 513 23.94 -2.92 10.14
CA ARG C 513 23.22 -2.75 11.38
C ARG C 513 22.79 -1.28 11.27
N ALA C 514 23.67 -0.47 10.65
CA ALA C 514 23.48 0.96 10.39
C ALA C 514 22.29 1.22 9.49
N ALA C 515 21.75 0.18 8.86
CA ALA C 515 20.56 0.30 8.05
C ALA C 515 19.41 0.47 9.02
N ALA C 516 19.47 -0.25 10.14
CA ALA C 516 18.47 -0.14 11.16
C ALA C 516 18.51 1.22 11.82
N GLU C 517 19.70 1.84 11.87
CA GLU C 517 19.85 3.19 12.44
C GLU C 517 19.21 4.20 11.51
N ARG C 518 19.44 3.97 10.23
CA ARG C 518 18.91 4.81 9.18
C ARG C 518 17.38 4.68 9.25
N ALA C 519 16.95 3.42 9.27
CA ALA C 519 15.57 3.01 9.35
C ALA C 519 14.94 3.66 10.54
N ALA C 520 15.62 3.64 11.68
CA ALA C 520 15.15 4.26 12.89
C ALA C 520 14.81 5.74 12.70
N ILE C 521 15.61 6.52 11.95
CA ILE C 521 15.28 7.92 11.74
C ILE C 521 14.28 8.06 10.59
N ASN C 522 14.30 7.09 9.67
CA ASN C 522 13.43 7.11 8.51
C ASN C 522 11.93 6.84 8.77
N ALA C 523 11.67 5.68 9.37
CA ALA C 523 10.34 5.22 9.68
C ALA C 523 9.47 6.22 10.40
N PRO C 524 9.79 6.90 11.51
CA PRO C 524 8.88 7.84 12.15
C PRO C 524 8.32 8.86 11.17
N MET C 525 9.14 9.31 10.22
CA MET C 525 8.68 10.27 9.24
C MET C 525 7.81 9.60 8.20
N GLN C 526 8.25 8.48 7.61
CA GLN C 526 7.46 7.77 6.62
C GLN C 526 6.12 7.30 7.14
N GLY C 527 6.18 6.73 8.33
CA GLY C 527 5.07 6.21 9.07
C GLY C 527 4.10 7.30 9.48
N THR C 528 4.53 8.41 10.11
CA THR C 528 3.56 9.45 10.46
C THR C 528 2.89 9.98 9.22
N ALA C 529 3.62 10.08 8.10
CA ALA C 529 3.00 10.54 6.84
C ALA C 529 1.92 9.55 6.43
N ALA C 530 2.26 8.25 6.47
CA ALA C 530 1.35 7.18 6.13
C ALA C 530 0.08 7.26 6.98
N ASP C 531 0.23 7.38 8.29
CA ASP C 531 -0.91 7.46 9.19
C ASP C 531 -1.77 8.66 8.88
N ILE C 532 -1.11 9.76 8.54
CA ILE C 532 -1.78 10.99 8.16
C ILE C 532 -2.61 10.76 6.90
N ILE C 533 -2.10 10.05 5.90
CA ILE C 533 -2.91 9.86 4.70
C ILE C 533 -4.08 8.95 5.01
N LYS C 534 -3.87 7.88 5.79
CA LYS C 534 -4.94 6.93 6.09
C LYS C 534 -6.07 7.62 6.80
N ARG C 535 -5.73 8.57 7.65
CA ARG C 535 -6.72 9.32 8.39
C ARG C 535 -7.52 10.21 7.44
N ALA C 536 -6.82 10.80 6.48
CA ALA C 536 -7.47 11.68 5.51
C ALA C 536 -8.42 10.85 4.68
N MET C 537 -8.01 9.62 4.35
CA MET C 537 -8.82 8.72 3.56
C MET C 537 -10.11 8.44 4.29
N ILE C 538 -10.02 7.98 5.54
CA ILE C 538 -11.18 7.72 6.39
C ILE C 538 -12.09 8.95 6.45
N ALA C 539 -11.48 10.13 6.67
CA ALA C 539 -12.21 11.39 6.76
C ALA C 539 -13.03 11.71 5.51
N VAL C 540 -12.39 11.58 4.34
CA VAL C 540 -13.06 11.91 3.11
C VAL C 540 -14.16 10.90 2.85
N ASP C 541 -13.86 9.61 3.00
CA ASP C 541 -14.83 8.55 2.72
C ASP C 541 -16.09 8.70 3.54
N ALA C 542 -15.90 9.05 4.81
CA ALA C 542 -16.99 9.24 5.72
C ALA C 542 -17.93 10.28 5.16
N TRP C 543 -17.32 11.40 4.78
CA TRP C 543 -18.06 12.48 4.19
C TRP C 543 -18.79 11.98 2.93
N LEU C 544 -18.14 11.21 2.06
CA LEU C 544 -18.83 10.69 0.89
C LEU C 544 -19.97 9.79 1.32
N GLN C 545 -19.83 8.86 2.25
CA GLN C 545 -20.93 7.99 2.61
C GLN C 545 -22.11 8.76 3.18
N ALA C 546 -21.88 9.88 3.85
CA ALA C 546 -22.98 10.63 4.43
C ALA C 546 -23.73 11.53 3.46
N GLU C 547 -22.98 12.39 2.76
CA GLU C 547 -23.54 13.35 1.83
C GLU C 547 -23.71 12.89 0.40
N GLN C 548 -22.96 11.88 -0.02
CA GLN C 548 -23.01 11.30 -1.36
C GLN C 548 -23.01 12.33 -2.51
N PRO C 549 -21.92 13.10 -2.66
CA PRO C 549 -21.77 14.11 -3.69
C PRO C 549 -21.37 13.42 -4.96
N ARG C 550 -21.47 14.06 -6.12
CA ARG C 550 -21.07 13.37 -7.32
C ARG C 550 -19.55 13.29 -7.37
N VAL C 551 -18.90 12.39 -6.60
CA VAL C 551 -17.45 12.22 -6.57
C VAL C 551 -17.05 10.85 -6.04
N ARG C 552 -16.18 10.11 -6.73
CA ARG C 552 -15.69 8.84 -6.20
C ARG C 552 -14.17 8.83 -6.03
N MET C 553 -13.66 8.29 -4.91
CA MET C 553 -12.23 8.25 -4.63
C MET C 553 -11.67 7.07 -5.41
N ILE C 554 -10.97 7.31 -6.52
CA ILE C 554 -10.53 6.22 -7.37
C ILE C 554 -9.16 5.63 -7.12
N MET C 555 -8.21 6.39 -6.55
CA MET C 555 -6.89 5.82 -6.27
C MET C 555 -6.14 6.62 -5.21
N GLN C 556 -5.13 6.00 -4.61
CA GLN C 556 -4.30 6.60 -3.59
C GLN C 556 -2.90 6.14 -3.91
N VAL C 557 -1.95 7.06 -3.95
CA VAL C 557 -0.57 6.71 -4.23
C VAL C 557 0.35 7.76 -3.61
N HIS C 558 1.45 7.34 -2.96
CA HIS C 558 2.46 8.27 -2.47
C HIS C 558 2.10 9.52 -1.63
N ASP C 559 0.88 9.98 -1.29
CA ASP C 559 0.53 11.22 -0.53
C ASP C 559 -0.62 11.95 -1.21
N GLU C 560 -0.97 11.56 -2.44
CA GLU C 560 -2.05 12.24 -3.10
C GLU C 560 -3.21 11.29 -3.18
N LEU C 561 -4.41 11.84 -3.17
CA LEU C 561 -5.58 11.03 -3.28
C LEU C 561 -6.24 11.48 -4.57
N VAL C 562 -6.66 10.57 -5.46
CA VAL C 562 -7.29 10.96 -6.69
C VAL C 562 -8.79 10.65 -6.61
N PHE C 563 -9.55 11.63 -7.01
CA PHE C 563 -10.99 11.58 -6.99
C PHE C 563 -11.47 11.68 -8.40
N GLU C 564 -12.76 11.52 -8.56
CA GLU C 564 -13.42 11.63 -9.84
C GLU C 564 -14.66 12.46 -9.55
N VAL C 565 -14.54 13.78 -9.59
CA VAL C 565 -15.66 14.64 -9.26
C VAL C 565 -16.35 15.21 -10.48
N HIS C 566 -17.68 15.34 -10.45
CA HIS C 566 -18.44 15.86 -11.56
C HIS C 566 -18.04 17.28 -11.87
N LYS C 567 -17.85 17.60 -13.15
CA LYS C 567 -17.39 18.93 -13.57
C LYS C 567 -18.15 20.10 -12.95
N ASP C 568 -19.45 19.99 -12.89
CA ASP C 568 -20.25 21.01 -12.27
C ASP C 568 -19.93 21.23 -10.79
N ASP C 569 -19.71 20.15 -10.08
CA ASP C 569 -19.51 20.24 -8.65
C ASP C 569 -18.07 20.48 -8.22
N VAL C 570 -17.09 20.48 -9.12
CA VAL C 570 -15.69 20.60 -8.72
C VAL C 570 -15.34 21.71 -7.74
N ASP C 571 -15.90 22.90 -7.91
CA ASP C 571 -15.56 24.02 -7.04
C ASP C 571 -15.83 23.76 -5.55
N ALA C 572 -16.99 23.23 -5.19
CA ALA C 572 -17.24 22.94 -3.79
C ALA C 572 -16.52 21.67 -3.35
N VAL C 573 -16.43 20.65 -4.20
CA VAL C 573 -15.78 19.43 -3.77
C VAL C 573 -14.32 19.65 -3.49
N ALA C 574 -13.57 20.37 -4.32
CA ALA C 574 -12.15 20.59 -4.07
C ALA C 574 -11.90 21.35 -2.77
N LYS C 575 -12.91 22.14 -2.39
CA LYS C 575 -12.93 22.91 -1.16
C LYS C 575 -13.15 21.96 -0.01
N GLN C 576 -14.08 21.01 -0.14
CA GLN C 576 -14.32 20.07 0.93
C GLN C 576 -13.10 19.21 1.17
N ILE C 577 -12.47 18.70 0.14
CA ILE C 577 -11.28 17.90 0.30
C ILE C 577 -10.26 18.70 1.07
N HIS C 578 -10.09 19.97 0.71
CA HIS C 578 -9.17 20.89 1.36
C HIS C 578 -9.57 21.00 2.85
N GLN C 579 -10.85 21.11 3.19
CA GLN C 579 -11.26 21.15 4.59
C GLN C 579 -10.91 19.76 5.12
N LEU C 580 -11.63 18.69 4.92
CA LEU C 580 -11.33 17.34 5.41
C LEU C 580 -9.84 17.02 5.60
N MET C 581 -9.12 16.80 4.51
CA MET C 581 -7.70 16.41 4.52
C MET C 581 -6.77 17.15 5.44
N GLU C 582 -6.44 18.42 5.21
CA GLU C 582 -5.54 19.12 6.16
C GLU C 582 -6.16 19.52 7.52
N ASN C 583 -7.14 18.78 8.06
CA ASN C 583 -7.79 19.23 9.28
C ASN C 583 -8.10 18.08 10.23
N CYS C 584 -9.06 17.17 9.94
CA CYS C 584 -9.42 16.06 10.86
C CYS C 584 -8.46 14.86 10.71
N THR C 585 -7.21 15.23 10.47
CA THR C 585 -6.13 14.31 10.22
C THR C 585 -5.12 14.71 11.31
N ARG C 586 -3.81 14.73 11.10
CA ARG C 586 -2.91 15.14 12.16
C ARG C 586 -2.86 16.67 12.26
N LEU C 587 -3.89 17.25 12.87
CA LEU C 587 -4.06 18.69 13.07
C LEU C 587 -2.95 19.38 13.86
N ASP C 588 -1.91 18.68 14.33
CA ASP C 588 -0.83 19.32 15.06
C ASP C 588 0.38 19.64 14.16
N VAL C 589 0.36 19.18 12.92
CA VAL C 589 1.44 19.43 11.98
C VAL C 589 0.94 20.58 11.02
N PRO C 590 1.75 21.56 10.47
CA PRO C 590 1.22 22.62 9.57
C PRO C 590 0.95 22.00 8.17
N LEU C 591 -0.30 21.68 7.85
CA LEU C 591 -0.61 20.95 6.62
C LEU C 591 -1.03 21.72 5.39
N LEU C 592 -0.50 21.31 4.23
CA LEU C 592 -0.84 21.93 2.98
C LEU C 592 -1.14 20.87 1.95
N VAL C 593 -2.32 21.01 1.34
CA VAL C 593 -2.80 20.10 0.32
C VAL C 593 -3.08 20.92 -0.92
N GLU C 594 -2.39 20.54 -1.98
CA GLU C 594 -2.53 21.15 -3.31
C GLU C 594 -3.58 20.34 -4.07
N VAL C 595 -4.62 21.01 -4.62
CA VAL C 595 -5.68 20.33 -5.35
C VAL C 595 -5.62 20.77 -6.80
N GLY C 596 -5.79 19.82 -7.70
CA GLY C 596 -5.77 20.10 -9.13
C GLY C 596 -6.92 19.34 -9.78
N SER C 597 -7.31 19.77 -10.97
CA SER C 597 -8.39 19.15 -11.72
C SER C 597 -7.91 19.15 -13.15
N GLY C 598 -8.18 18.09 -13.90
CA GLY C 598 -7.80 18.00 -15.30
C GLY C 598 -8.63 16.87 -15.89
N GLU C 599 -8.68 16.68 -17.20
CA GLU C 599 -9.48 15.57 -17.71
C GLU C 599 -8.72 14.25 -17.66
N ASN C 600 -7.59 14.22 -16.99
CA ASN C 600 -6.83 13.02 -16.81
C ASN C 600 -5.86 13.21 -15.64
N TRP C 601 -5.28 12.12 -15.13
CA TRP C 601 -4.39 12.17 -13.99
C TRP C 601 -3.21 13.11 -14.16
N ASP C 602 -2.51 13.10 -15.29
CA ASP C 602 -1.38 14.02 -15.42
C ASP C 602 -1.84 15.46 -15.59
N GLN C 603 -2.97 15.72 -16.23
CA GLN C 603 -3.43 17.08 -16.45
C GLN C 603 -3.81 17.68 -15.10
N ALA C 604 -4.28 16.83 -14.19
CA ALA C 604 -4.64 17.28 -12.86
C ALA C 604 -3.40 17.41 -11.96
N HIS C 605 -2.26 16.87 -12.39
CA HIS C 605 -1.04 16.92 -11.60
C HIS C 605 -0.34 18.27 -11.63
#